data_1XPP
#
_entry.id   1XPP
#
_cell.length_a   59.700
_cell.length_b   69.424
_cell.length_c   66.293
_cell.angle_alpha   90.00
_cell.angle_beta   116.77
_cell.angle_gamma   90.00
#
_symmetry.space_group_name_H-M   'P 1 2 1'
#
loop_
_entity.id
_entity.type
_entity.pdbx_description
1 polymer 'DNA-directed RNA polymerase subunit L'
2 non-polymer 'THIOCYANATE ION'
3 non-polymer 'ACETIC ACID'
4 non-polymer 'FORMIC ACID'
5 water water
#
_entity_poly.entity_id   1
_entity_poly.type   'polypeptide(L)'
_entity_poly.pdbx_seq_one_letter_code
;GHMQRERTAESSLRVISKEKNSITVEMINYDNTLLRTLVEEILKDDQVDEARYYIKHPVIDNPQIYVRVKSGKPQSAIKR
AVRKLSKLYEDLGTQFQKEFQRYESDHMIKAVEGS
;
_entity_poly.pdbx_strand_id   A,B,C,D
#
# COMPACT_ATOMS: atom_id res chain seq x y z
N ALA A 9 31.37 -17.18 -18.20
CA ALA A 9 30.57 -17.26 -19.46
C ALA A 9 29.32 -16.39 -19.32
N GLU A 10 28.90 -15.79 -20.44
CA GLU A 10 27.70 -14.93 -20.51
C GLU A 10 26.45 -15.76 -20.24
N SER A 11 25.42 -15.13 -19.69
CA SER A 11 24.09 -15.72 -19.67
C SER A 11 23.62 -15.68 -21.10
N SER A 12 22.87 -16.70 -21.50
CA SER A 12 22.24 -16.68 -22.81
C SER A 12 20.99 -17.52 -22.75
N LEU A 13 20.25 -17.54 -23.86
CA LEU A 13 19.01 -18.30 -23.94
C LEU A 13 18.63 -18.67 -25.36
N ARG A 14 17.87 -19.75 -25.47
CA ARG A 14 17.48 -20.27 -26.79
CA ARG A 14 17.51 -20.28 -26.79
CA ARG A 14 17.54 -20.38 -26.77
C ARG A 14 16.15 -20.97 -26.75
N VAL A 15 15.30 -20.59 -27.69
CA VAL A 15 14.03 -21.24 -27.88
C VAL A 15 14.40 -22.68 -28.26
N ILE A 16 13.71 -23.62 -27.64
CA ILE A 16 13.91 -25.04 -27.94
C ILE A 16 12.75 -25.59 -28.76
N SER A 17 11.53 -25.25 -28.35
CA SER A 17 10.30 -25.48 -29.13
C SER A 17 9.13 -24.51 -28.86
N LYS A 18 8.17 -24.51 -29.78
CA LYS A 18 6.95 -23.75 -29.62
CA LYS A 18 6.99 -23.63 -29.78
C LYS A 18 5.84 -24.42 -30.39
N GLU A 19 4.60 -24.25 -29.95
N GLU A 19 4.68 -24.35 -29.73
CA GLU A 19 3.51 -24.85 -30.72
CA GLU A 19 3.46 -25.13 -30.03
C GLU A 19 2.38 -23.87 -30.99
C GLU A 19 2.22 -24.33 -29.56
N LYS A 20 1.22 -24.18 -30.43
CA LYS A 20 0.12 -23.20 -30.35
C LYS A 20 0.19 -22.16 -29.21
N ASN A 21 -0.08 -22.61 -27.98
CA ASN A 21 -0.17 -21.71 -26.82
C ASN A 21 0.89 -21.96 -25.78
N SER A 22 2.02 -22.48 -26.23
CA SER A 22 3.09 -22.86 -25.33
C SER A 22 4.46 -22.59 -25.97
N ILE A 23 5.46 -22.30 -25.14
CA ILE A 23 6.83 -22.15 -25.59
C ILE A 23 7.81 -22.73 -24.56
N THR A 24 8.97 -23.20 -25.04
CA THR A 24 10.07 -23.72 -24.19
C THR A 24 11.40 -23.05 -24.54
N VAL A 25 12.04 -22.44 -23.53
CA VAL A 25 13.29 -21.73 -23.75
C VAL A 25 14.33 -22.24 -22.79
N GLU A 26 15.48 -22.63 -23.32
CA GLU A 26 16.62 -23.06 -22.52
C GLU A 26 17.38 -21.87 -21.95
N MET A 27 17.50 -21.83 -20.63
CA MET A 27 18.14 -20.72 -19.94
C MET A 27 19.53 -21.09 -19.48
N ILE A 28 20.53 -20.37 -20.00
CA ILE A 28 21.91 -20.79 -19.87
C ILE A 28 22.71 -19.80 -19.02
N ASN A 29 23.34 -20.32 -17.96
CA ASN A 29 24.17 -19.51 -17.06
C ASN A 29 23.39 -18.38 -16.41
N TYR A 30 22.13 -18.65 -16.07
CA TYR A 30 21.37 -17.72 -15.26
C TYR A 30 21.40 -18.12 -13.79
N ASP A 31 21.39 -17.13 -12.91
CA ASP A 31 21.33 -17.36 -11.48
C ASP A 31 20.00 -18.00 -11.14
N ASN A 32 20.01 -19.03 -10.28
CA ASN A 32 18.74 -19.67 -9.99
CA ASN A 32 18.76 -19.68 -9.91
C ASN A 32 17.75 -18.75 -9.27
N THR A 33 18.22 -17.76 -8.50
CA THR A 33 17.29 -16.81 -7.89
C THR A 33 16.53 -16.05 -8.96
N LEU A 34 17.24 -15.62 -10.01
CA LEU A 34 16.60 -14.93 -11.11
C LEU A 34 15.56 -15.83 -11.77
N LEU A 35 15.92 -17.08 -12.00
CA LEU A 35 14.98 -17.99 -12.68
C LEU A 35 13.75 -18.30 -11.84
N ARG A 36 13.93 -18.39 -10.53
CA ARG A 36 12.80 -18.62 -9.63
C ARG A 36 11.86 -17.41 -9.64
N THR A 37 12.44 -16.22 -9.57
CA THR A 37 11.62 -15.02 -9.62
C THR A 37 10.84 -14.86 -10.94
N LEU A 38 11.48 -15.25 -12.04
CA LEU A 38 10.88 -15.21 -13.35
C LEU A 38 9.62 -16.08 -13.36
N VAL A 39 9.73 -17.34 -12.91
CA VAL A 39 8.52 -18.17 -12.95
C VAL A 39 7.46 -17.72 -11.98
N GLU A 40 7.86 -17.31 -10.79
CA GLU A 40 6.94 -16.74 -9.78
CA GLU A 40 6.91 -16.79 -9.80
C GLU A 40 6.12 -15.59 -10.35
N GLU A 41 6.79 -14.71 -11.10
CA GLU A 41 6.16 -13.54 -11.69
C GLU A 41 5.20 -13.95 -12.79
N ILE A 42 5.62 -14.83 -13.69
CA ILE A 42 4.70 -15.38 -14.69
C ILE A 42 3.45 -16.03 -14.06
N LEU A 43 3.62 -16.70 -12.91
CA LEU A 43 2.51 -17.41 -12.30
C LEU A 43 1.42 -16.44 -11.74
N LYS A 44 1.76 -15.16 -11.68
CA LYS A 44 0.86 -14.09 -11.19
C LYS A 44 -0.14 -13.68 -12.25
N ASP A 45 0.15 -14.07 -13.49
CA ASP A 45 -0.64 -13.73 -14.66
C ASP A 45 -1.85 -14.67 -14.80
N ASP A 46 -3.06 -14.09 -14.81
CA ASP A 46 -4.28 -14.89 -14.93
C ASP A 46 -4.47 -15.57 -16.28
N GLN A 47 -3.70 -15.14 -17.29
CA GLN A 47 -3.76 -15.74 -18.63
C GLN A 47 -2.79 -16.91 -18.79
N VAL A 48 -2.13 -17.27 -17.70
CA VAL A 48 -1.13 -18.33 -17.74
C VAL A 48 -1.74 -19.58 -17.17
N ASP A 49 -1.67 -20.65 -17.94
CA ASP A 49 -2.12 -21.96 -17.50
C ASP A 49 -1.02 -22.74 -16.76
N GLU A 50 0.21 -22.67 -17.26
CA GLU A 50 1.35 -23.30 -16.60
C GLU A 50 2.64 -22.53 -16.87
N ALA A 51 3.50 -22.44 -15.86
CA ALA A 51 4.83 -21.91 -16.06
C ALA A 51 5.69 -22.68 -15.08
N ARG A 52 6.69 -23.37 -15.62
CA ARG A 52 7.62 -24.10 -14.76
C ARG A 52 8.84 -24.49 -15.55
N TYR A 53 9.85 -24.98 -14.85
CA TYR A 53 11.05 -25.49 -15.51
C TYR A 53 11.10 -27.01 -15.62
N TYR A 54 11.77 -27.45 -16.68
CA TYR A 54 12.06 -28.85 -16.90
C TYR A 54 13.51 -29.00 -17.24
N ILE A 55 14.06 -30.20 -17.03
CA ILE A 55 15.48 -30.43 -17.34
C ILE A 55 15.67 -31.92 -17.57
N LYS A 56 16.56 -32.27 -18.50
CA LYS A 56 16.80 -33.69 -18.76
C LYS A 56 17.78 -34.22 -17.76
N HIS A 57 18.85 -33.46 -17.51
CA HIS A 57 19.92 -33.88 -16.62
C HIS A 57 20.13 -32.82 -15.53
N PRO A 58 19.48 -33.01 -14.35
CA PRO A 58 19.42 -31.97 -13.32
C PRO A 58 20.72 -31.28 -12.93
N VAL A 59 21.85 -32.00 -12.94
CA VAL A 59 23.14 -31.43 -12.47
C VAL A 59 24.11 -31.08 -13.60
N ILE A 60 23.72 -31.38 -14.84
CA ILE A 60 24.58 -31.21 -16.03
C ILE A 60 24.02 -30.18 -17.03
N ASP A 61 22.69 -30.19 -17.22
CA ASP A 61 22.07 -29.41 -18.27
C ASP A 61 21.68 -28.06 -17.72
N ASN A 62 21.25 -27.18 -18.64
CA ASN A 62 20.66 -25.91 -18.26
C ASN A 62 19.15 -26.08 -18.20
N PRO A 63 18.48 -25.40 -17.25
CA PRO A 63 17.03 -25.52 -17.13
C PRO A 63 16.30 -24.95 -18.32
N GLN A 64 15.14 -25.51 -18.63
CA GLN A 64 14.30 -24.96 -19.68
C GLN A 64 12.99 -24.47 -19.10
N ILE A 65 12.64 -23.21 -19.38
CA ILE A 65 11.35 -22.71 -18.94
C ILE A 65 10.31 -23.15 -19.98
N TYR A 66 9.16 -23.58 -19.48
CA TYR A 66 7.99 -23.88 -20.28
C TYR A 66 6.85 -23.01 -19.80
N VAL A 67 6.16 -22.33 -20.73
CA VAL A 67 5.01 -21.51 -20.41
C VAL A 67 3.88 -21.83 -21.40
N ARG A 68 2.71 -22.13 -20.84
CA ARG A 68 1.49 -22.34 -21.60
C ARG A 68 0.45 -21.33 -21.18
N VAL A 69 -0.25 -20.76 -22.17
CA VAL A 69 -1.24 -19.73 -21.87
C VAL A 69 -2.68 -20.14 -22.26
N LYS A 70 -3.65 -19.51 -21.60
CA LYS A 70 -5.08 -19.66 -21.91
C LYS A 70 -5.43 -18.82 -23.13
N SER A 71 -5.02 -17.56 -23.11
CA SER A 71 -5.25 -16.62 -24.20
C SER A 71 -3.97 -15.85 -24.54
N GLY A 72 -3.82 -15.51 -25.81
CA GLY A 72 -2.69 -14.73 -26.30
C GLY A 72 -1.54 -15.61 -26.75
N LYS A 73 -0.36 -15.00 -26.88
CA LYS A 73 0.85 -15.74 -27.23
C LYS A 73 1.62 -16.06 -25.94
N PRO A 74 2.35 -17.20 -25.90
CA PRO A 74 3.14 -17.44 -24.69
C PRO A 74 4.31 -16.48 -24.49
N GLN A 75 4.97 -16.08 -25.59
CA GLN A 75 6.07 -15.11 -25.55
CA GLN A 75 6.08 -15.14 -25.49
C GLN A 75 5.60 -13.85 -24.83
N SER A 76 4.34 -13.47 -25.04
CA SER A 76 3.77 -12.26 -24.43
C SER A 76 3.71 -12.32 -22.93
N ALA A 77 3.42 -13.50 -22.39
CA ALA A 77 3.31 -13.70 -20.97
C ALA A 77 4.71 -13.54 -20.37
N ILE A 78 5.71 -14.06 -21.08
CA ILE A 78 7.09 -13.93 -20.62
C ILE A 78 7.49 -12.45 -20.63
N LYS A 79 7.26 -11.80 -21.79
CA LYS A 79 7.47 -10.35 -21.92
C LYS A 79 6.81 -9.55 -20.79
N ARG A 80 5.53 -9.81 -20.53
CA ARG A 80 4.83 -9.06 -19.49
C ARG A 80 5.52 -9.25 -18.13
N ALA A 81 6.00 -10.47 -17.88
CA ALA A 81 6.62 -10.75 -16.58
C ALA A 81 7.96 -10.04 -16.46
N VAL A 82 8.76 -10.11 -17.52
CA VAL A 82 10.09 -9.53 -17.48
C VAL A 82 10.00 -8.02 -17.37
N ARG A 83 9.01 -7.46 -18.03
CA ARG A 83 8.87 -6.00 -18.06
C ARG A 83 8.43 -5.52 -16.68
N LYS A 84 7.55 -6.27 -16.02
CA LYS A 84 7.14 -5.97 -14.67
C LYS A 84 8.36 -6.00 -13.77
N LEU A 85 9.21 -7.03 -13.93
CA LEU A 85 10.33 -7.21 -13.01
C LEU A 85 11.37 -6.11 -13.19
N SER A 86 11.67 -5.79 -14.46
CA SER A 86 12.57 -4.69 -14.81
CA SER A 86 12.62 -4.71 -14.73
C SER A 86 12.06 -3.40 -14.19
N LYS A 87 10.76 -3.15 -14.39
CA LYS A 87 10.12 -1.89 -13.90
C LYS A 87 10.15 -1.80 -12.38
N LEU A 88 9.95 -2.93 -11.72
CA LEU A 88 9.98 -3.00 -10.28
C LEU A 88 11.33 -2.53 -9.73
N TYR A 89 12.41 -3.03 -10.31
CA TYR A 89 13.73 -2.64 -9.80
C TYR A 89 14.12 -1.25 -10.27
N GLU A 90 13.68 -0.85 -11.44
CA GLU A 90 13.89 0.55 -11.87
C GLU A 90 13.22 1.50 -10.91
N ASP A 91 11.97 1.17 -10.56
CA ASP A 91 11.21 2.05 -9.67
C ASP A 91 11.83 2.06 -8.27
N LEU A 92 12.27 0.89 -7.80
CA LEU A 92 12.95 0.79 -6.51
C LEU A 92 14.19 1.69 -6.46
N GLY A 93 14.93 1.75 -7.56
CA GLY A 93 16.09 2.65 -7.66
C GLY A 93 15.72 4.11 -7.54
N THR A 94 14.66 4.49 -8.22
CA THR A 94 14.13 5.85 -8.08
C THR A 94 13.70 6.18 -6.63
N GLN A 95 13.04 5.22 -5.99
CA GLN A 95 12.57 5.38 -4.61
C GLN A 95 13.75 5.54 -3.68
N PHE A 96 14.76 4.67 -3.80
CA PHE A 96 15.92 4.78 -2.94
C PHE A 96 16.65 6.10 -3.16
N GLN A 97 16.82 6.47 -4.43
CA GLN A 97 17.56 7.69 -4.78
C GLN A 97 16.88 8.91 -4.14
N LYS A 98 15.55 9.00 -4.25
CA LYS A 98 14.81 10.14 -3.70
C LYS A 98 14.87 10.13 -2.17
N GLU A 99 14.74 8.95 -1.59
CA GLU A 99 14.76 8.86 -0.14
C GLU A 99 16.12 9.23 0.43
N PHE A 100 17.19 8.76 -0.20
CA PHE A 100 18.54 9.03 0.27
C PHE A 100 18.83 10.53 0.18
N GLN A 101 18.39 11.15 -0.92
CA GLN A 101 18.59 12.59 -1.06
C GLN A 101 17.73 13.43 -0.10
N ARG A 102 16.56 12.92 0.29
CA ARG A 102 15.77 13.59 1.33
C ARG A 102 16.44 13.43 2.69
N TYR A 103 16.82 12.20 3.02
CA TYR A 103 17.42 11.92 4.32
C TYR A 103 18.68 12.77 4.52
N GLU A 104 19.58 12.76 3.54
CA GLU A 104 20.81 13.55 3.66
CA GLU A 104 20.82 13.54 3.59
C GLU A 104 20.55 15.06 3.53
N SER A 105 19.51 15.44 2.78
CA SER A 105 19.10 16.85 2.72
C SER A 105 18.75 17.32 4.13
N ASP A 106 17.93 16.52 4.82
CA ASP A 106 17.55 16.77 6.20
C ASP A 106 18.78 16.89 7.11
N HIS A 107 19.73 15.97 6.92
CA HIS A 107 21.00 15.98 7.65
C HIS A 107 22.02 16.89 6.97
N GLU B 10 0.54 1.05 -3.41
CA GLU B 10 1.89 1.56 -3.79
C GLU B 10 2.88 1.23 -2.68
N SER B 11 4.10 0.93 -3.08
CA SER B 11 5.17 0.65 -2.11
C SER B 11 5.85 1.93 -1.68
N SER B 12 6.52 1.91 -0.54
CA SER B 12 7.31 3.07 -0.14
C SER B 12 8.43 2.62 0.77
N LEU B 13 9.43 3.46 0.92
CA LEU B 13 10.52 3.16 1.86
C LEU B 13 11.00 4.40 2.57
N ARG B 14 11.72 4.19 3.67
CA ARG B 14 12.15 5.30 4.51
C ARG B 14 13.34 4.84 5.28
N VAL B 15 14.35 5.69 5.28
CA VAL B 15 15.51 5.47 6.15
C VAL B 15 15.07 5.71 7.59
N ILE B 16 15.25 4.71 8.46
CA ILE B 16 14.83 4.89 9.85
C ILE B 16 15.95 4.83 10.88
N SER B 17 17.16 4.49 10.44
CA SER B 17 18.32 4.54 11.29
C SER B 17 19.55 4.59 10.40
N LYS B 18 20.59 5.29 10.86
CA LYS B 18 21.77 5.52 10.06
C LYS B 18 22.90 5.76 11.04
N GLU B 19 23.85 4.82 11.09
CA GLU B 19 24.99 4.89 12.01
C GLU B 19 26.22 4.93 11.15
N LYS B 20 27.38 4.99 11.79
CA LYS B 20 28.67 5.15 11.09
C LYS B 20 28.72 4.44 9.73
N ASN B 21 28.76 3.11 9.78
CA ASN B 21 28.88 2.30 8.57
C ASN B 21 27.62 1.50 8.28
N SER B 22 26.48 2.02 8.68
CA SER B 22 25.27 1.22 8.55
C SER B 22 24.02 2.04 8.34
N ILE B 23 22.99 1.36 7.84
CA ILE B 23 21.71 1.99 7.60
C ILE B 23 20.62 0.95 7.76
N THR B 24 19.46 1.43 8.21
CA THR B 24 18.26 0.63 8.27
C THR B 24 17.14 1.35 7.55
N VAL B 25 16.45 0.59 6.69
CA VAL B 25 15.40 1.14 5.86
C VAL B 25 14.15 0.34 6.10
N GLU B 26 13.06 1.06 6.36
CA GLU B 26 11.73 0.45 6.47
C GLU B 26 11.16 0.32 5.07
N MET B 27 10.67 -0.85 4.72
CA MET B 27 10.15 -1.10 3.37
C MET B 27 8.70 -1.55 3.40
N ILE B 28 7.83 -0.73 2.83
CA ILE B 28 6.40 -0.87 3.01
C ILE B 28 5.70 -1.31 1.72
N ASN B 29 4.87 -2.35 1.81
N ASN B 29 4.97 -2.42 1.83
CA ASN B 29 4.16 -2.91 0.64
CA ASN B 29 4.13 -2.93 0.76
C ASN B 29 5.06 -3.29 -0.52
C ASN B 29 4.87 -3.60 -0.43
N TYR B 30 6.13 -4.00 -0.22
CA TYR B 30 6.86 -4.69 -1.26
C TYR B 30 6.54 -6.16 -1.17
N ASP B 31 6.77 -6.86 -2.27
CA ASP B 31 6.68 -8.29 -2.24
C ASP B 31 7.86 -8.82 -1.45
N ASN B 32 7.63 -9.77 -0.51
CA ASN B 32 8.74 -10.32 0.25
C ASN B 32 9.87 -10.88 -0.61
N THR B 33 9.55 -11.46 -1.78
CA THR B 33 10.58 -11.91 -2.70
C THR B 33 11.53 -10.79 -3.07
N LEU B 34 10.99 -9.60 -3.30
CA LEU B 34 11.86 -8.46 -3.61
C LEU B 34 12.86 -8.15 -2.47
N LEU B 35 12.39 -8.12 -1.22
N LEU B 35 12.37 -8.15 -1.23
CA LEU B 35 13.35 -7.85 -0.13
CA LEU B 35 13.24 -7.88 -0.10
C LEU B 35 14.41 -8.93 -0.04
C LEU B 35 14.36 -8.93 0.03
N ARG B 36 14.01 -10.20 -0.14
CA ARG B 36 14.97 -11.27 -0.03
C ARG B 36 16.00 -11.23 -1.14
N THR B 37 15.53 -10.93 -2.36
CA THR B 37 16.40 -10.84 -3.54
C THR B 37 17.38 -9.69 -3.37
N LEU B 38 16.88 -8.57 -2.88
CA LEU B 38 17.73 -7.42 -2.66
C LEU B 38 18.87 -7.75 -1.69
N VAL B 39 18.51 -8.39 -0.59
CA VAL B 39 19.49 -8.70 0.42
C VAL B 39 20.50 -9.72 -0.09
N GLU B 40 20.02 -10.72 -0.83
CA GLU B 40 20.89 -11.72 -1.46
C GLU B 40 21.93 -11.02 -2.37
N GLU B 41 21.47 -10.03 -3.12
CA GLU B 41 22.37 -9.29 -3.98
C GLU B 41 23.36 -8.42 -3.20
N ILE B 42 22.89 -7.74 -2.16
CA ILE B 42 23.82 -6.92 -1.37
C ILE B 42 24.94 -7.77 -0.72
N LEU B 43 24.61 -9.00 -0.31
CA LEU B 43 25.59 -9.91 0.31
C LEU B 43 26.70 -10.36 -0.66
N LYS B 44 26.49 -10.15 -1.96
CA LYS B 44 27.52 -10.48 -2.96
C LYS B 44 28.64 -9.43 -2.99
N ASP B 45 28.37 -8.26 -2.42
CA ASP B 45 29.26 -7.11 -2.44
C ASP B 45 30.39 -7.27 -1.40
N ASP B 46 31.64 -7.20 -1.85
CA ASP B 46 32.78 -7.38 -0.92
C ASP B 46 33.01 -6.25 0.08
N GLN B 47 32.35 -5.12 -0.12
CA GLN B 47 32.39 -4.02 0.83
C GLN B 47 31.37 -4.18 1.94
N VAL B 48 30.48 -5.18 1.81
CA VAL B 48 29.41 -5.41 2.78
C VAL B 48 29.84 -6.39 3.89
N ASP B 49 29.61 -5.96 5.13
CA ASP B 49 29.92 -6.71 6.33
C ASP B 49 28.70 -7.54 6.73
N GLU B 50 27.52 -6.91 6.73
CA GLU B 50 26.29 -7.58 7.11
C GLU B 50 25.14 -7.02 6.31
N ALA B 51 24.22 -7.90 5.93
CA ALA B 51 22.98 -7.46 5.27
C ALA B 51 21.86 -8.43 5.64
N ARG B 52 20.80 -7.88 6.21
CA ARG B 52 19.71 -8.68 6.75
C ARG B 52 18.36 -8.11 6.36
N TYR B 53 17.39 -8.98 6.12
CA TYR B 53 15.99 -8.54 6.08
C TYR B 53 15.28 -9.03 7.30
N TYR B 54 14.28 -8.26 7.70
CA TYR B 54 13.41 -8.60 8.82
C TYR B 54 11.99 -8.50 8.33
N ILE B 55 11.32 -9.66 8.25
CA ILE B 55 9.98 -9.70 7.71
C ILE B 55 9.09 -10.37 8.75
N LYS B 56 9.29 -11.69 8.92
CA LYS B 56 8.55 -12.52 9.89
C LYS B 56 9.07 -12.35 11.34
N HIS B 57 10.35 -12.04 11.48
CA HIS B 57 11.03 -11.92 12.77
C HIS B 57 11.96 -10.71 12.80
N PRO B 58 11.97 -9.93 13.90
CA PRO B 58 11.13 -10.05 15.11
C PRO B 58 9.76 -9.47 14.78
N VAL B 59 8.97 -9.14 15.80
CA VAL B 59 7.68 -8.52 15.58
C VAL B 59 7.86 -7.05 15.27
N ILE B 60 7.61 -6.71 14.00
CA ILE B 60 7.66 -5.32 13.55
C ILE B 60 6.45 -5.03 12.68
N ASP B 61 6.08 -3.76 12.59
CA ASP B 61 4.90 -3.34 11.81
C ASP B 61 5.05 -3.56 10.30
N ASN B 62 6.25 -3.25 9.79
CA ASN B 62 6.58 -3.43 8.39
C ASN B 62 8.00 -3.91 8.28
N PRO B 63 8.30 -4.62 7.19
CA PRO B 63 9.66 -5.11 6.99
C PRO B 63 10.73 -4.02 7.06
N GLN B 64 11.91 -4.43 7.46
CA GLN B 64 13.11 -3.55 7.48
C GLN B 64 14.28 -4.30 6.88
N ILE B 65 15.17 -3.55 6.24
CA ILE B 65 16.48 -4.07 5.88
C ILE B 65 17.59 -3.30 6.58
N TYR B 66 18.65 -4.02 6.93
CA TYR B 66 19.81 -3.47 7.62
C TYR B 66 21.07 -3.86 6.85
N VAL B 67 21.94 -2.87 6.64
CA VAL B 67 23.17 -3.07 5.90
C VAL B 67 24.27 -2.36 6.67
N ARG B 68 25.34 -3.11 6.94
CA ARG B 68 26.61 -2.61 7.49
C ARG B 68 27.75 -2.92 6.51
N VAL B 69 28.54 -1.88 6.23
CA VAL B 69 29.66 -2.02 5.29
C VAL B 69 31.02 -2.00 5.98
N LYS B 70 31.98 -2.68 5.36
CA LYS B 70 33.41 -2.64 5.76
C LYS B 70 34.03 -1.32 5.32
N SER B 71 33.62 -0.88 4.12
CA SER B 71 34.14 0.32 3.49
C SER B 71 33.05 0.98 2.66
N GLY B 72 33.28 2.24 2.30
CA GLY B 72 32.30 3.05 1.59
C GLY B 72 31.09 3.38 2.45
N LYS B 73 29.98 3.73 1.80
CA LYS B 73 28.78 4.16 2.49
C LYS B 73 27.74 3.05 2.35
N PRO B 74 26.92 2.85 3.41
CA PRO B 74 25.94 1.78 3.32
C PRO B 74 24.87 2.07 2.26
N GLN B 75 24.44 3.32 2.11
CA GLN B 75 23.45 3.60 1.07
CA GLN B 75 23.47 3.66 1.08
C GLN B 75 24.02 3.31 -0.32
N SER B 76 25.34 3.45 -0.49
CA SER B 76 25.96 3.05 -1.79
C SER B 76 25.89 1.56 -2.06
N ALA B 77 26.05 0.72 -1.03
CA ALA B 77 25.93 -0.71 -1.19
C ALA B 77 24.50 -1.07 -1.65
N ILE B 78 23.49 -0.45 -1.05
CA ILE B 78 22.12 -0.68 -1.50
C ILE B 78 21.95 -0.24 -2.97
N LYS B 79 22.43 0.95 -3.30
CA LYS B 79 22.36 1.40 -4.70
C LYS B 79 23.04 0.41 -5.66
N ARG B 80 24.25 -0.02 -5.37
CA ARG B 80 24.95 -0.97 -6.27
C ARG B 80 24.11 -2.19 -6.56
N ALA B 81 23.42 -2.69 -5.52
CA ALA B 81 22.66 -3.92 -5.66
C ALA B 81 21.40 -3.68 -6.48
N VAL B 82 20.74 -2.56 -6.23
CA VAL B 82 19.52 -2.26 -6.94
C VAL B 82 19.83 -2.07 -8.40
N ARG B 83 20.88 -1.34 -8.70
CA ARG B 83 21.22 -1.12 -10.11
C ARG B 83 21.65 -2.43 -10.79
N LYS B 84 22.35 -3.31 -10.06
CA LYS B 84 22.73 -4.61 -10.64
C LYS B 84 21.46 -5.40 -10.97
N LEU B 85 20.50 -5.41 -10.04
CA LEU B 85 19.24 -6.13 -10.25
C LEU B 85 18.43 -5.59 -11.43
N SER B 86 18.38 -4.27 -11.55
CA SER B 86 17.68 -3.62 -12.67
C SER B 86 18.29 -4.11 -13.98
N LYS B 87 19.62 -4.14 -14.04
CA LYS B 87 20.34 -4.58 -15.24
C LYS B 87 20.09 -6.04 -15.54
N LEU B 88 20.09 -6.88 -14.51
CA LEU B 88 19.88 -8.32 -14.71
C LEU B 88 18.54 -8.58 -15.41
N TYR B 89 17.47 -7.95 -14.94
CA TYR B 89 16.16 -8.16 -15.51
C TYR B 89 16.01 -7.47 -16.87
N GLU B 90 16.65 -6.31 -17.03
CA GLU B 90 16.61 -5.63 -18.32
C GLU B 90 17.31 -6.46 -19.38
N ASP B 91 18.48 -6.97 -19.02
CA ASP B 91 19.28 -7.81 -19.94
C ASP B 91 18.53 -9.11 -20.26
N LEU B 92 17.88 -9.68 -19.24
CA LEU B 92 17.04 -10.85 -19.49
C LEU B 92 15.99 -10.57 -20.59
N GLY B 93 15.31 -9.42 -20.47
CA GLY B 93 14.33 -8.97 -21.48
C GLY B 93 14.93 -8.77 -22.85
N THR B 94 16.10 -8.13 -22.93
CA THR B 94 16.82 -7.95 -24.21
C THR B 94 17.07 -9.29 -24.87
N GLN B 95 17.54 -10.25 -24.08
CA GLN B 95 17.86 -11.58 -24.63
C GLN B 95 16.65 -12.32 -25.12
N PHE B 96 15.58 -12.33 -24.31
CA PHE B 96 14.30 -12.89 -24.72
C PHE B 96 13.81 -12.26 -26.02
N GLN B 97 13.52 -10.94 -25.97
N GLN B 97 13.96 -10.94 -26.14
CA GLN B 97 12.78 -10.28 -27.05
CA GLN B 97 13.65 -10.25 -27.39
C GLN B 97 13.49 -10.49 -28.36
C GLN B 97 14.54 -10.60 -28.58
N LYS B 98 14.81 -10.53 -28.28
N LYS B 98 15.85 -10.68 -28.37
CA LYS B 98 15.59 -10.72 -29.48
CA LYS B 98 16.73 -10.90 -29.51
C LYS B 98 15.28 -12.09 -30.00
C LYS B 98 16.56 -12.32 -30.02
N GLU B 99 15.25 -13.02 -29.07
N GLU B 99 16.66 -13.29 -29.11
CA GLU B 99 15.12 -14.42 -29.43
CA GLU B 99 16.51 -14.69 -29.49
C GLU B 99 13.74 -14.71 -29.97
C GLU B 99 15.16 -15.06 -30.12
N PHE B 100 12.71 -14.13 -29.35
N PHE B 100 14.08 -14.46 -29.63
CA PHE B 100 11.38 -14.35 -29.89
CA PHE B 100 12.75 -14.78 -30.19
C PHE B 100 11.33 -13.83 -31.34
C PHE B 100 12.78 -14.41 -31.67
N GLN B 101 11.79 -12.60 -31.56
N GLN B 101 13.40 -13.27 -31.98
CA GLN B 101 11.76 -12.02 -32.90
CA GLN B 101 13.33 -12.76 -33.34
C GLN B 101 12.51 -12.89 -33.90
C GLN B 101 14.26 -13.55 -34.25
N ARG B 102 13.71 -13.32 -33.52
N ARG B 102 15.41 -13.96 -33.70
CA ARG B 102 14.51 -14.21 -34.35
CA ARG B 102 16.36 -14.80 -34.42
C ARG B 102 13.68 -15.46 -34.71
C ARG B 102 15.74 -16.17 -34.71
N TYR B 103 13.09 -16.09 -33.69
N TYR B 103 15.22 -16.83 -33.68
CA TYR B 103 12.34 -17.33 -33.88
CA TYR B 103 14.65 -18.14 -33.91
C TYR B 103 11.05 -17.17 -34.71
C TYR B 103 13.61 -18.04 -35.01
N GLU B 104 10.28 -16.11 -34.46
N GLU B 104 12.67 -17.12 -34.82
CA GLU B 104 9.02 -15.94 -35.18
CA GLU B 104 11.55 -16.95 -35.72
C GLU B 104 9.27 -15.62 -36.66
C GLU B 104 11.95 -16.84 -37.19
N SER B 105 10.51 -15.28 -36.96
N SER B 105 13.10 -16.25 -37.44
CA SER B 105 10.93 -14.96 -38.33
CA SER B 105 13.58 -16.10 -38.81
C SER B 105 11.28 -16.22 -39.13
C SER B 105 14.18 -17.38 -39.37
N ASP B 106 12.34 -16.91 -38.72
N ASP B 106 15.02 -18.06 -38.58
CA ASP B 106 12.89 -18.03 -39.50
CA ASP B 106 15.82 -19.12 -39.16
C ASP B 106 12.44 -19.39 -38.96
C ASP B 106 15.51 -20.52 -38.65
N HIS B 107 11.83 -19.35 -37.78
N HIS B 107 14.79 -20.61 -37.52
CA HIS B 107 11.34 -20.50 -37.05
CA HIS B 107 14.56 -21.91 -36.86
C HIS B 107 12.19 -21.78 -37.17
C HIS B 107 14.35 -21.78 -35.34
N ALA C 9 -25.66 22.39 22.76
CA ALA C 9 -25.89 21.40 21.66
C ALA C 9 -24.62 20.59 21.37
N GLU C 10 -24.37 19.63 22.25
CA GLU C 10 -23.41 18.55 22.02
C GLU C 10 -24.03 17.61 20.99
N SER C 11 -23.22 16.74 20.41
CA SER C 11 -23.72 15.67 19.55
C SER C 11 -24.36 14.63 20.42
N SER C 12 -25.44 14.04 19.93
CA SER C 12 -26.03 12.89 20.62
C SER C 12 -26.73 12.00 19.59
N LEU C 13 -27.28 10.89 20.06
CA LEU C 13 -27.95 9.92 19.20
C LEU C 13 -28.94 9.04 19.95
N ARG C 14 -29.91 8.50 19.23
N ARG C 14 -29.86 8.45 19.21
CA ARG C 14 -30.96 7.72 19.88
CA ARG C 14 -30.94 7.71 19.82
C ARG C 14 -31.58 6.76 18.89
C ARG C 14 -31.49 6.72 18.82
N VAL C 15 -31.60 5.47 19.26
CA VAL C 15 -32.28 4.43 18.51
C VAL C 15 -33.74 4.89 18.42
N ILE C 16 -34.26 4.80 17.20
CA ILE C 16 -35.66 5.15 16.95
C ILE C 16 -36.43 3.85 16.72
N SER C 17 -35.83 2.93 15.98
CA SER C 17 -36.41 1.60 15.75
C SER C 17 -35.40 0.48 15.46
N LYS C 18 -35.84 -0.75 15.72
CA LYS C 18 -35.04 -1.94 15.54
CA LYS C 18 -35.03 -1.95 15.55
C LYS C 18 -35.95 -3.09 15.13
N GLU C 19 -35.65 -3.75 14.03
N GLU C 19 -35.65 -3.68 13.98
CA GLU C 19 -36.54 -4.83 13.58
CA GLU C 19 -36.50 -4.69 13.35
C GLU C 19 -35.85 -6.17 13.60
C GLU C 19 -35.66 -5.73 12.61
N LYS C 20 -36.15 -6.97 12.58
CA LYS C 20 -35.38 -8.14 12.16
C LYS C 20 -33.85 -7.97 12.18
N ASN C 21 -33.31 -7.57 11.03
CA ASN C 21 -31.88 -7.43 10.76
C ASN C 21 -31.55 -6.00 10.38
N SER C 22 -32.23 -5.06 11.01
CA SER C 22 -32.10 -3.65 10.68
C SER C 22 -32.24 -2.77 11.92
N ILE C 23 -31.64 -1.57 11.88
CA ILE C 23 -31.78 -0.62 12.97
C ILE C 23 -31.79 0.80 12.39
N THR C 24 -32.46 1.71 13.09
CA THR C 24 -32.55 3.14 12.73
C THR C 24 -32.19 4.00 13.93
N VAL C 25 -31.21 4.90 13.74
CA VAL C 25 -30.72 5.70 14.83
C VAL C 25 -30.73 7.17 14.38
N GLU C 26 -31.33 8.03 15.18
CA GLU C 26 -31.37 9.45 14.93
C GLU C 26 -30.04 10.04 15.37
N MET C 27 -29.38 10.76 14.47
CA MET C 27 -28.08 11.36 14.72
C MET C 27 -28.24 12.85 14.90
N ILE C 28 -27.94 13.34 16.10
CA ILE C 28 -28.25 14.70 16.49
C ILE C 28 -27.00 15.55 16.62
N ASN C 29 -26.96 16.65 15.87
CA ASN C 29 -25.89 17.64 15.94
C ASN C 29 -24.54 17.04 15.59
N TYR C 30 -24.54 16.17 14.58
CA TYR C 30 -23.30 15.66 14.06
C TYR C 30 -22.95 16.41 12.78
N ASP C 31 -21.64 16.52 12.55
N ASP C 31 -21.66 16.54 12.55
CA ASP C 31 -21.06 17.02 11.31
CA ASP C 31 -21.16 17.19 11.36
C ASP C 31 -21.55 16.22 10.12
C ASP C 31 -21.45 16.31 10.15
N ASN C 32 -21.94 16.92 9.07
CA ASN C 32 -22.28 16.30 7.83
CA ASN C 32 -22.33 16.14 7.90
C ASN C 32 -21.18 15.36 7.29
N THR C 33 -19.95 15.88 7.29
CA THR C 33 -18.83 15.06 6.80
C THR C 33 -18.67 13.78 7.62
N LEU C 34 -18.78 13.89 8.94
CA LEU C 34 -18.72 12.70 9.79
C LEU C 34 -19.80 11.70 9.40
N LEU C 35 -21.03 12.19 9.21
CA LEU C 35 -22.12 11.28 8.82
C LEU C 35 -21.93 10.60 7.47
N ARG C 36 -21.33 11.31 6.52
CA ARG C 36 -21.13 10.76 5.20
C ARG C 36 -20.07 9.69 5.29
N THR C 37 -19.01 9.99 6.03
CA THR C 37 -17.96 9.00 6.21
C THR C 37 -18.42 7.73 6.92
N LEU C 38 -19.32 7.87 7.87
CA LEU C 38 -19.86 6.73 8.59
C LEU C 38 -20.58 5.80 7.63
N VAL C 39 -21.49 6.34 6.82
CA VAL C 39 -22.19 5.44 5.89
C VAL C 39 -21.29 4.87 4.82
N GLU C 40 -20.38 5.67 4.29
CA GLU C 40 -19.40 5.17 3.32
CA GLU C 40 -19.37 5.20 3.33
C GLU C 40 -18.61 3.99 3.90
N GLU C 41 -18.28 4.06 5.19
CA GLU C 41 -17.51 2.99 5.82
C GLU C 41 -18.36 1.74 5.99
N ILE C 42 -19.59 1.92 6.47
CA ILE C 42 -20.53 0.80 6.58
C ILE C 42 -20.72 0.11 5.20
N LEU C 43 -20.70 0.87 4.11
CA LEU C 43 -20.98 0.29 2.79
C LEU C 43 -19.81 -0.56 2.25
N LYS C 44 -18.68 -0.51 2.94
CA LYS C 44 -17.51 -1.32 2.58
C LYS C 44 -17.64 -2.75 3.08
N ASP C 45 -18.59 -2.96 4.00
CA ASP C 45 -18.86 -4.24 4.64
C ASP C 45 -19.67 -5.16 3.72
N ASP C 46 -19.10 -6.32 3.43
CA ASP C 46 -19.78 -7.37 2.64
C ASP C 46 -21.10 -7.85 3.26
N GLN C 47 -21.25 -7.70 4.58
CA GLN C 47 -22.44 -8.21 5.32
C GLN C 47 -23.58 -7.21 5.38
N VAL C 48 -23.37 -6.04 4.79
CA VAL C 48 -24.35 -4.99 4.82
C VAL C 48 -25.12 -5.00 3.50
N ASP C 49 -26.43 -5.07 3.61
CA ASP C 49 -27.33 -4.99 2.47
C ASP C 49 -27.70 -3.54 2.12
N GLU C 50 -27.94 -2.73 3.15
CA GLU C 50 -28.19 -1.29 2.95
C GLU C 50 -27.72 -0.47 4.14
N ALA C 51 -27.23 0.73 3.86
CA ALA C 51 -26.90 1.70 4.88
C ALA C 51 -27.09 3.04 4.22
N ARG C 52 -27.99 3.84 4.77
CA ARG C 52 -28.23 5.16 4.20
C ARG C 52 -28.97 5.97 5.24
N TYR C 53 -29.15 7.26 4.96
CA TYR C 53 -29.92 8.11 5.85
C TYR C 53 -31.31 8.40 5.32
N TYR C 54 -32.23 8.62 6.25
CA TYR C 54 -33.56 9.09 5.95
C TYR C 54 -33.89 10.26 6.84
N ILE C 55 -34.84 11.09 6.41
CA ILE C 55 -35.24 12.26 7.23
C ILE C 55 -36.67 12.63 6.84
N LYS C 56 -37.49 13.01 7.82
CA LYS C 56 -38.86 13.45 7.52
C LYS C 56 -38.87 14.86 7.00
N HIS C 57 -38.13 15.75 7.67
CA HIS C 57 -38.09 17.17 7.27
C HIS C 57 -36.64 17.59 7.02
N PRO C 58 -36.20 17.56 5.75
CA PRO C 58 -34.78 17.73 5.41
C PRO C 58 -34.05 18.91 6.05
N VAL C 59 -34.74 20.03 6.27
CA VAL C 59 -34.06 21.26 6.81
C VAL C 59 -34.29 21.55 8.29
N ILE C 60 -35.18 20.76 8.91
CA ILE C 60 -35.63 20.98 10.30
C ILE C 60 -35.19 19.84 11.23
N ASP C 61 -35.25 18.61 10.74
CA ASP C 61 -35.00 17.42 11.57
C ASP C 61 -33.54 17.00 11.57
N ASN C 62 -33.21 16.08 12.49
CA ASN C 62 -31.93 15.37 12.46
C ASN C 62 -32.03 14.15 11.58
N PRO C 63 -30.96 13.83 10.83
CA PRO C 63 -30.97 12.64 9.99
C PRO C 63 -30.99 11.36 10.80
N GLN C 64 -31.57 10.32 10.23
CA GLN C 64 -31.60 9.02 10.87
C GLN C 64 -30.82 8.04 9.99
N ILE C 65 -29.89 7.29 10.58
CA ILE C 65 -29.18 6.28 9.82
C ILE C 65 -30.01 5.00 9.94
N TYR C 66 -30.13 4.32 8.82
CA TYR C 66 -30.74 3.00 8.71
C TYR C 66 -29.73 2.01 8.18
N VAL C 67 -29.57 0.87 8.87
CA VAL C 67 -28.62 -0.14 8.45
C VAL C 67 -29.33 -1.50 8.46
N ARG C 68 -29.30 -2.20 7.33
CA ARG C 68 -29.77 -3.58 7.23
C ARG C 68 -28.64 -4.51 6.82
N VAL C 69 -28.60 -5.69 7.43
CA VAL C 69 -27.50 -6.63 7.19
C VAL C 69 -28.01 -7.96 6.60
N LYS C 70 -27.14 -8.69 5.91
CA LYS C 70 -27.46 -10.04 5.39
C LYS C 70 -27.10 -11.14 6.38
N SER C 71 -26.10 -10.87 7.22
CA SER C 71 -25.68 -11.80 8.27
C SER C 71 -25.23 -11.01 9.48
N GLY C 72 -25.35 -11.62 10.66
CA GLY C 72 -25.05 -10.97 11.93
C GLY C 72 -26.09 -9.94 12.31
N LYS C 73 -25.74 -9.07 13.27
CA LYS C 73 -26.65 -8.06 13.80
C LYS C 73 -26.34 -6.70 13.19
N PRO C 74 -27.35 -5.81 13.07
CA PRO C 74 -27.08 -4.51 12.47
C PRO C 74 -26.16 -3.62 13.32
N GLN C 75 -26.39 -3.63 14.64
CA GLN C 75 -25.62 -2.88 15.61
CA GLN C 75 -25.61 -2.84 15.58
C GLN C 75 -24.13 -3.15 15.41
N SER C 76 -23.81 -4.40 15.11
CA SER C 76 -22.42 -4.85 14.88
C SER C 76 -21.75 -4.29 13.62
N ALA C 77 -22.52 -4.08 12.56
CA ALA C 77 -22.02 -3.52 11.32
C ALA C 77 -21.64 -2.08 11.64
N ILE C 78 -22.47 -1.42 12.45
CA ILE C 78 -22.18 -0.02 12.86
C ILE C 78 -20.88 -0.01 13.68
N LYS C 79 -20.83 -0.86 14.72
CA LYS C 79 -19.63 -1.02 15.55
C LYS C 79 -18.38 -1.29 14.74
N ARG C 80 -18.43 -2.25 13.81
CA ARG C 80 -17.26 -2.55 12.97
CA ARG C 80 -17.25 -2.54 12.99
C ARG C 80 -16.77 -1.30 12.24
N ALA C 81 -17.72 -0.50 11.73
CA ALA C 81 -17.38 0.67 10.94
C ALA C 81 -16.75 1.74 11.81
N VAL C 82 -17.33 1.94 12.98
CA VAL C 82 -16.88 3.05 13.84
C VAL C 82 -15.50 2.70 14.38
N ARG C 83 -15.30 1.43 14.69
CA ARG C 83 -14.04 0.96 15.22
C ARG C 83 -12.95 1.12 14.16
N LYS C 84 -13.26 0.77 12.92
CA LYS C 84 -12.34 0.95 11.82
C LYS C 84 -11.96 2.41 11.69
N LEU C 85 -12.95 3.31 11.78
CA LEU C 85 -12.68 4.76 11.58
C LEU C 85 -11.82 5.35 12.70
N SER C 86 -12.16 4.98 13.94
CA SER C 86 -11.39 5.38 15.12
C SER C 86 -9.95 4.92 14.95
N LYS C 87 -9.77 3.66 14.54
CA LYS C 87 -8.42 3.07 14.45
C LYS C 87 -7.62 3.73 13.35
N LEU C 88 -8.27 4.04 12.23
CA LEU C 88 -7.61 4.72 11.10
C LEU C 88 -6.99 6.07 11.54
N TYR C 89 -7.78 6.88 12.24
CA TYR C 89 -7.26 8.17 12.72
C TYR C 89 -6.28 8.05 13.90
N GLU C 90 -6.47 7.04 14.75
CA GLU C 90 -5.48 6.76 15.80
C GLU C 90 -4.14 6.35 15.17
N ASP C 91 -4.21 5.49 14.16
CA ASP C 91 -3.00 5.03 13.50
C ASP C 91 -2.33 6.17 12.73
N LEU C 92 -3.15 6.99 12.08
CA LEU C 92 -2.66 8.20 11.41
C LEU C 92 -1.86 9.08 12.34
N GLY C 93 -2.37 9.25 13.56
CA GLY C 93 -1.67 10.02 14.60
C GLY C 93 -0.31 9.43 14.95
N THR C 94 -0.27 8.13 15.12
CA THR C 94 1.02 7.46 15.34
C THR C 94 1.99 7.67 14.17
N GLN C 95 1.47 7.57 12.94
CA GLN C 95 2.30 7.72 11.74
C GLN C 95 2.87 9.13 11.65
N PHE C 96 2.03 10.14 11.87
CA PHE C 96 2.52 11.53 11.83
C PHE C 96 3.55 11.81 12.94
N GLN C 97 3.25 11.33 14.15
CA GLN C 97 4.11 11.60 15.30
C GLN C 97 5.47 10.98 15.04
N LYS C 98 5.51 9.75 14.52
CA LYS C 98 6.79 9.09 14.23
C LYS C 98 7.53 9.81 13.09
N GLU C 99 6.77 10.21 12.08
CA GLU C 99 7.45 10.84 10.95
C GLU C 99 8.00 12.20 11.32
N PHE C 100 7.24 12.98 12.11
CA PHE C 100 7.68 14.28 12.59
C PHE C 100 8.91 14.10 13.49
N GLN C 101 8.90 13.07 14.34
CA GLN C 101 10.07 12.75 15.19
C GLN C 101 11.31 12.48 14.34
N ARG C 102 11.14 11.73 13.26
CA ARG C 102 12.23 11.34 12.39
C ARG C 102 12.73 12.54 11.59
N TYR C 103 11.81 13.28 10.97
CA TYR C 103 12.18 14.44 10.18
C TYR C 103 12.95 15.49 10.99
N GLU C 104 12.48 15.75 12.21
CA GLU C 104 13.11 16.72 13.10
CA GLU C 104 13.12 16.73 13.07
C GLU C 104 14.46 16.20 13.62
N SER C 105 14.53 14.89 13.86
CA SER C 105 15.78 14.24 14.28
C SER C 105 16.83 14.44 13.20
N ASP C 106 16.39 14.30 11.95
CA ASP C 106 17.23 14.49 10.77
C ASP C 106 17.73 15.92 10.67
N HIS C 107 16.81 16.88 10.86
CA HIS C 107 17.17 18.30 10.89
C HIS C 107 17.63 18.75 12.26
N ALA D 9 -1.98 -3.84 1.82
CA ALA D 9 -1.95 -2.41 1.41
C ALA D 9 -1.80 -1.50 2.62
N GLU D 10 -0.57 -1.33 3.08
CA GLU D 10 -0.34 -0.46 4.23
C GLU D 10 -0.11 0.98 3.77
N SER D 11 -0.62 1.91 4.55
CA SER D 11 -0.45 3.34 4.24
C SER D 11 0.89 3.82 4.78
N SER D 12 1.40 4.90 4.22
CA SER D 12 2.59 5.54 4.79
C SER D 12 2.61 7.02 4.45
N LEU D 13 3.38 7.79 5.20
CA LEU D 13 3.56 9.21 4.87
C LEU D 13 4.97 9.67 5.12
N ARG D 14 5.30 10.83 4.54
CA ARG D 14 6.69 11.32 4.54
C ARG D 14 6.61 12.82 4.39
N VAL D 15 7.32 13.54 5.24
CA VAL D 15 7.47 14.98 5.05
C VAL D 15 8.38 15.20 3.84
N ILE D 16 7.95 15.99 2.87
CA ILE D 16 8.80 16.16 1.68
C ILE D 16 9.22 17.59 1.39
N SER D 17 8.71 18.53 2.18
CA SER D 17 9.12 19.91 2.11
C SER D 17 8.72 20.56 3.41
N LYS D 18 9.56 21.48 3.85
N LYS D 18 9.54 21.50 3.89
CA LYS D 18 9.38 22.20 5.08
CA LYS D 18 9.31 22.18 5.16
C LYS D 18 9.96 23.57 4.81
C LYS D 18 9.98 23.56 5.19
N GLU D 19 9.16 24.61 5.06
CA GLU D 19 9.63 26.00 4.96
C GLU D 19 9.14 26.71 6.20
N LYS D 20 9.38 28.02 6.28
N LYS D 20 9.36 28.02 6.29
CA LYS D 20 9.09 28.83 7.47
CA LYS D 20 9.08 28.83 7.49
C LYS D 20 7.88 28.36 8.28
C LYS D 20 7.87 28.34 8.28
N ASN D 21 6.69 28.58 7.72
CA ASN D 21 5.45 28.28 8.37
C ASN D 21 4.65 27.31 7.55
N SER D 22 5.34 26.41 6.87
CA SER D 22 4.63 25.47 6.01
C SER D 22 5.27 24.09 5.95
N ILE D 23 4.46 23.12 5.51
CA ILE D 23 4.95 21.77 5.41
C ILE D 23 4.16 21.09 4.31
N THR D 24 4.83 20.18 3.62
CA THR D 24 4.20 19.33 2.62
C THR D 24 4.50 17.89 2.96
N VAL D 25 3.45 17.07 2.95
CA VAL D 25 3.53 15.68 3.29
C VAL D 25 3.00 14.83 2.15
N GLU D 26 3.77 13.82 1.75
CA GLU D 26 3.33 12.83 0.79
C GLU D 26 2.59 11.72 1.53
N MET D 27 1.39 11.39 1.07
CA MET D 27 0.49 10.42 1.69
C MET D 27 0.23 9.29 0.73
N ILE D 28 0.68 8.08 1.09
CA ILE D 28 0.66 6.95 0.20
C ILE D 28 -0.33 5.88 0.68
N ASN D 29 -1.16 5.39 -0.23
CA ASN D 29 -2.17 4.36 0.07
C ASN D 29 -3.23 4.70 1.10
N TYR D 30 -3.61 5.97 1.21
CA TYR D 30 -4.73 6.31 2.05
C TYR D 30 -5.95 6.35 1.19
N ASP D 31 -7.10 6.15 1.83
CA ASP D 31 -8.38 6.44 1.21
C ASP D 31 -8.42 7.93 0.92
N ASN D 32 -8.79 8.31 -0.32
CA ASN D 32 -8.98 9.74 -0.65
C ASN D 32 -9.90 10.49 0.32
N THR D 33 -10.93 9.79 0.84
CA THR D 33 -11.81 10.39 1.84
C THR D 33 -11.06 10.85 3.08
N LEU D 34 -10.11 10.03 3.53
CA LEU D 34 -9.27 10.43 4.67
C LEU D 34 -8.53 11.76 4.40
N LEU D 35 -7.94 11.89 3.22
CA LEU D 35 -7.17 13.09 2.94
C LEU D 35 -8.06 14.33 2.95
N ARG D 36 -9.22 14.23 2.31
CA ARG D 36 -10.11 15.40 2.20
C ARG D 36 -10.67 15.76 3.56
N THR D 37 -11.01 14.75 4.35
CA THR D 37 -11.53 14.97 5.71
C THR D 37 -10.47 15.64 6.57
N LEU D 38 -9.24 15.17 6.43
CA LEU D 38 -8.16 15.75 7.18
C LEU D 38 -7.97 17.25 6.87
N VAL D 39 -7.99 17.57 5.57
CA VAL D 39 -7.83 18.94 5.13
C VAL D 39 -9.02 19.80 5.58
N GLU D 40 -10.24 19.27 5.45
CA GLU D 40 -11.45 19.97 5.94
C GLU D 40 -11.28 20.32 7.43
N GLU D 41 -10.77 19.36 8.19
CA GLU D 41 -10.53 19.62 9.60
C GLU D 41 -9.44 20.67 9.85
N ILE D 42 -8.33 20.60 9.14
CA ILE D 42 -7.24 21.55 9.37
C ILE D 42 -7.71 22.96 9.03
N LEU D 43 -8.56 23.08 8.01
CA LEU D 43 -9.11 24.39 7.62
C LEU D 43 -9.99 25.07 8.67
N LYS D 44 -10.42 24.33 9.70
CA LYS D 44 -11.25 24.90 10.78
C LYS D 44 -10.38 25.61 11.81
N ASP D 45 -9.08 25.39 11.74
CA ASP D 45 -8.10 25.91 12.70
C ASP D 45 -7.80 27.38 12.42
N ASP D 46 -7.99 28.25 13.41
CA ASP D 46 -7.77 29.69 13.19
C ASP D 46 -6.30 30.08 12.99
N GLN D 47 -5.38 29.16 13.27
CA GLN D 47 -3.96 29.42 13.09
C GLN D 47 -3.50 29.05 11.68
N VAL D 48 -4.42 28.47 10.91
CA VAL D 48 -4.08 27.95 9.57
C VAL D 48 -4.39 28.98 8.49
N ASP D 49 -3.40 29.19 7.63
CA ASP D 49 -3.45 30.13 6.53
C ASP D 49 -3.96 29.44 5.27
N GLU D 50 -3.40 28.27 4.95
CA GLU D 50 -3.87 27.50 3.82
C GLU D 50 -3.69 26.03 4.12
N ALA D 51 -4.59 25.23 3.61
CA ALA D 51 -4.46 23.77 3.68
C ALA D 51 -5.09 23.21 2.43
N ARG D 52 -4.31 22.38 1.74
CA ARG D 52 -4.71 21.87 0.45
C ARG D 52 -4.37 20.41 0.34
N TYR D 53 -5.22 19.65 -0.32
CA TYR D 53 -4.82 18.32 -0.77
C TYR D 53 -4.62 18.36 -2.26
N TYR D 54 -3.75 17.46 -2.71
CA TYR D 54 -3.49 17.27 -4.14
C TYR D 54 -3.60 15.79 -4.40
N ILE D 55 -4.66 15.43 -5.10
CA ILE D 55 -4.87 14.02 -5.36
C ILE D 55 -4.90 13.77 -6.85
N LYS D 56 -5.89 14.35 -7.53
CA LYS D 56 -5.86 14.21 -9.00
C LYS D 56 -5.26 15.37 -9.76
N HIS D 57 -5.07 16.50 -9.09
CA HIS D 57 -4.40 17.62 -9.74
C HIS D 57 -3.35 18.18 -8.80
N PRO D 58 -2.14 18.49 -9.29
CA PRO D 58 -1.62 18.31 -10.67
C PRO D 58 -1.22 16.85 -10.81
N VAL D 59 -0.42 16.54 -11.81
CA VAL D 59 0.04 15.16 -12.01
C VAL D 59 1.17 14.85 -11.07
N ILE D 60 0.87 13.96 -10.11
CA ILE D 60 1.83 13.54 -9.09
C ILE D 60 1.71 12.04 -8.88
N ASP D 61 2.80 11.43 -8.42
CA ASP D 61 2.84 9.97 -8.21
C ASP D 61 1.89 9.53 -7.09
N ASN D 62 1.86 10.30 -6.00
CA ASN D 62 1.05 9.98 -4.82
C ASN D 62 0.54 11.29 -4.26
N PRO D 63 -0.65 11.26 -3.62
CA PRO D 63 -1.22 12.47 -3.01
C PRO D 63 -0.24 13.18 -2.06
N GLN D 64 -0.44 14.48 -2.00
CA GLN D 64 0.29 15.33 -1.08
C GLN D 64 -0.70 16.24 -0.37
N ILE D 65 -0.34 16.63 0.85
CA ILE D 65 -1.03 17.71 1.52
C ILE D 65 -0.04 18.81 1.88
N TYR D 66 -0.52 20.06 1.80
CA TYR D 66 0.28 21.25 2.06
C TYR D 66 -0.47 22.09 3.11
N VAL D 67 0.26 22.54 4.12
CA VAL D 67 -0.34 23.34 5.18
C VAL D 67 0.58 24.52 5.44
N ARG D 68 0.00 25.71 5.44
CA ARG D 68 0.70 26.92 5.90
C ARG D 68 -0.06 27.56 7.05
N VAL D 69 0.68 27.95 8.09
CA VAL D 69 0.08 28.53 9.30
C VAL D 69 0.37 30.05 9.41
N LYS D 70 -0.58 30.77 10.03
CA LYS D 70 -0.32 32.17 10.49
C LYS D 70 0.56 32.19 11.74
N SER D 71 0.42 31.18 12.60
CA SER D 71 1.16 31.12 13.86
C SER D 71 1.40 29.67 14.26
N GLY D 72 2.34 29.47 15.17
CA GLY D 72 2.78 28.14 15.57
C GLY D 72 3.49 27.41 14.45
N LYS D 73 3.51 26.09 14.57
CA LYS D 73 4.23 25.23 13.63
C LYS D 73 3.21 24.53 12.74
N PRO D 74 3.56 24.30 11.45
CA PRO D 74 2.60 23.62 10.58
C PRO D 74 2.36 22.16 10.99
N GLN D 75 3.39 21.46 11.46
CA GLN D 75 3.23 20.09 11.94
C GLN D 75 2.25 20.06 13.12
N SER D 76 2.21 21.12 13.92
CA SER D 76 1.22 21.21 15.01
C SER D 76 -0.23 21.31 14.53
N ALA D 77 -0.46 22.05 13.45
CA ALA D 77 -1.80 22.19 12.91
C ALA D 77 -2.27 20.82 12.43
N ILE D 78 -1.39 20.07 11.77
CA ILE D 78 -1.76 18.71 11.36
C ILE D 78 -2.10 17.84 12.60
N LYS D 79 -1.23 17.89 13.61
CA LYS D 79 -1.49 17.10 14.82
C LYS D 79 -2.83 17.47 15.45
N ARG D 80 -3.12 18.76 15.63
CA ARG D 80 -4.42 19.16 16.23
C ARG D 80 -5.59 18.53 15.51
N ALA D 81 -5.54 18.57 14.18
CA ALA D 81 -6.63 18.04 13.38
C ALA D 81 -6.79 16.55 13.49
N VAL D 82 -5.67 15.81 13.42
CA VAL D 82 -5.70 14.34 13.53
C VAL D 82 -6.27 13.97 14.91
N ARG D 83 -5.80 14.63 15.95
CA ARG D 83 -6.30 14.29 17.30
C ARG D 83 -7.79 14.64 17.43
N LYS D 84 -8.24 15.75 16.84
CA LYS D 84 -9.68 16.07 16.89
C LYS D 84 -10.48 14.97 16.20
N LEU D 85 -9.99 14.53 15.03
CA LEU D 85 -10.70 13.51 14.25
C LEU D 85 -10.78 12.16 14.97
N SER D 86 -9.69 11.78 15.62
CA SER D 86 -9.65 10.55 16.41
C SER D 86 -10.71 10.65 17.49
N LYS D 87 -10.77 11.80 18.16
CA LYS D 87 -11.77 11.99 19.25
C LYS D 87 -13.19 11.95 18.72
N LEU D 88 -13.43 12.57 17.57
CA LEU D 88 -14.78 12.58 16.96
C LEU D 88 -15.32 11.15 16.76
N TYR D 89 -14.53 10.29 16.13
CA TYR D 89 -14.93 8.91 15.84
C TYR D 89 -14.96 8.06 17.12
N GLU D 90 -14.01 8.31 18.02
CA GLU D 90 -14.05 7.61 19.30
C GLU D 90 -15.32 7.91 20.07
N ASP D 91 -15.66 9.20 20.14
CA ASP D 91 -16.84 9.69 20.88
C ASP D 91 -18.09 9.14 20.20
N LEU D 92 -18.05 9.11 18.88
CA LEU D 92 -19.18 8.54 18.12
C LEU D 92 -19.42 7.08 18.59
N GLY D 93 -18.37 6.28 18.67
CA GLY D 93 -18.51 4.90 19.14
C GLY D 93 -18.96 4.80 20.60
N THR D 94 -18.49 5.67 21.47
CA THR D 94 -18.94 5.69 22.86
C THR D 94 -20.44 5.93 22.93
N GLN D 95 -20.90 6.86 22.10
CA GLN D 95 -22.34 7.19 22.08
C GLN D 95 -23.19 6.03 21.54
N PHE D 96 -22.79 5.45 20.41
CA PHE D 96 -23.45 4.27 19.88
C PHE D 96 -23.49 3.14 20.93
N GLN D 97 -22.31 2.71 21.40
N GLN D 97 -22.43 3.02 21.73
CA GLN D 97 -22.23 1.43 22.12
CA GLN D 97 -22.45 2.03 22.81
C GLN D 97 -23.08 1.54 23.36
C GLN D 97 -23.35 2.42 23.98
N LYS D 98 -23.15 2.74 23.92
N LYS D 98 -23.29 3.67 24.45
CA LYS D 98 -23.93 2.95 25.13
CA LYS D 98 -24.09 4.01 25.62
C LYS D 98 -25.37 2.79 24.79
C LYS D 98 -25.58 3.95 25.32
N GLU D 99 -25.72 3.28 23.62
N GLU D 99 -25.96 4.48 24.15
CA GLU D 99 -27.10 3.28 23.19
CA GLU D 99 -27.37 4.50 23.76
C GLU D 99 -27.56 1.89 22.84
C GLU D 99 -27.96 3.14 23.45
N PHE D 100 -26.72 1.13 22.14
N PHE D 100 -27.19 2.29 22.78
CA PHE D 100 -27.10 -0.22 21.80
CA PHE D 100 -27.70 0.93 22.48
C PHE D 100 -27.35 -1.00 23.09
C PHE D 100 -28.08 0.27 23.79
N GLN D 101 -26.39 -0.93 24.01
N GLN D 101 -27.16 0.32 24.76
CA GLN D 101 -26.55 -1.63 25.28
CA GLN D 101 -27.40 -0.33 26.05
C GLN D 101 -27.83 -1.21 26.00
C GLN D 101 -28.61 0.23 26.80
N ARG D 102 -28.03 0.10 26.14
N ARG D 102 -28.74 1.55 26.85
CA ARG D 102 -29.23 0.65 26.77
CA ARG D 102 -29.88 2.20 27.48
C ARG D 102 -30.48 0.01 26.14
C ARG D 102 -31.20 1.83 26.80
N TYR D 103 -30.55 0.06 24.82
N TYR D 103 -31.27 1.99 25.49
CA TYR D 103 -31.73 -0.39 24.09
CA TYR D 103 -32.49 1.60 24.79
C TYR D 103 -31.93 -1.91 24.12
C TYR D 103 -32.82 0.13 25.01
N GLU D 104 -30.84 -2.67 24.06
N GLU D 104 -31.81 -0.71 24.86
CA GLU D 104 -30.94 -4.13 24.05
CA GLU D 104 -31.99 -2.15 24.66
C GLU D 104 -31.54 -4.67 25.35
C GLU D 104 -32.91 -2.84 25.68
N SER D 105 -31.27 -3.98 26.45
N SER D 105 -33.46 -2.04 26.58
CA SER D 105 -31.75 -4.48 27.73
CA SER D 105 -34.57 -2.45 27.44
C SER D 105 -33.19 -4.07 27.94
C SER D 105 -35.87 -2.08 26.68
N ASP D 106 -33.45 -2.79 27.77
N ASP D 106 -35.75 -1.94 25.36
CA ASP D 106 -34.80 -2.26 27.93
CA ASP D 106 -36.69 -1.13 24.55
C ASP D 106 -34.78 -0.78 28.38
C ASP D 106 -37.39 -0.02 25.33
N HIS D 107 -34.99 -0.52 29.67
N HIS D 107 -37.16 1.21 24.84
CA HIS D 107 -35.04 0.86 30.12
CA HIS D 107 -37.76 2.46 25.32
C HIS D 107 -35.15 1.78 28.92
C HIS D 107 -37.28 3.52 24.31
N MET D 108 -37.77 4.76 24.43
CA MET D 108 -37.34 5.85 23.56
C MET D 108 -37.27 7.24 24.21
N ILE D 109 -36.06 7.78 24.25
CA ILE D 109 -35.90 9.20 24.46
C ILE D 109 -35.63 9.79 23.08
#